data_9V8H
#
_entry.id   9V8H
#
_cell.length_a   43.690
_cell.length_b   53.470
_cell.length_c   66.830
_cell.angle_alpha   90.00
_cell.angle_beta   106.50
_cell.angle_gamma   90.00
#
_symmetry.space_group_name_H-M   'P 1 21 1'
#
loop_
_entity.id
_entity.type
_entity.pdbx_description
1 polymer 'Peroxisome proliferator-activated receptor gamma'
2 polymer PG08-NL
3 non-polymer '2,4-THIAZOLIDIINEDIONE, 5-[[4-[2-(METHYL-2-PYRIDINYLAMINO)ETHOXY]PHENYL]METHYL]-(9CL)'
4 non-polymer 'TRIETHYLENE GLYCOL'
5 non-polymer DI(HYDROXYETHYL)ETHER
6 water water
#
loop_
_entity_poly.entity_id
_entity_poly.type
_entity_poly.pdbx_seq_one_letter_code
_entity_poly.pdbx_strand_id
1 'polypeptide(L)'
;QLNPESADLRALAKHLYDSYIKSFPLTKAKARAILTGKTTDKSPFVIYDMNSLMMGEDKIKFKHITPLQEQSKEVAIRIF
QGCQFRSVEAVQEITEYAKSIPGFVNLDLNDQVTLLKYGVHEIIYTMLASLMNKDGVLISEGQGFMTREFLKSLRKPFGD
FMEPKFEFAVKFNALELDDSDLAIFIAVIILSGDRPGLLNVKPIEDIQDNLLQALELQLKLNHPESSQLFAKLLQKMTDL
RQIVTEHVQLLQVIKKTETDMSLHPLLQEIYKDLY
;
A
2 'polypeptide(L)' (DTY)KTANSV(AC5)VRH(AC5)LLTAIL(AC5)(NH2) B
#
loop_
_chem_comp.id
_chem_comp.type
_chem_comp.name
_chem_comp.formula
BRL non-polymer '2,4-THIAZOLIDIINEDIONE, 5-[[4-[2-(METHYL-2-PYRIDINYLAMINO)ETHOXY]PHENYL]METHYL]-(9CL)' 'C18 H19 N3 O3 S'
NH2 non-polymer 'AMINO GROUP' 'H2 N'
PEG non-polymer DI(HYDROXYETHYL)ETHER 'C4 H10 O3'
PGE non-polymer 'TRIETHYLENE GLYCOL' 'C6 H14 O4'
#
# COMPACT_ATOMS: atom_id res chain seq x y z
N GLU A 5 13.34 -14.52 -20.38
CA GLU A 5 12.80 -14.62 -21.77
C GLU A 5 11.48 -13.82 -21.84
N SER A 6 11.35 -13.08 -22.92
CA SER A 6 10.44 -11.96 -22.91
C SER A 6 9.00 -12.43 -22.85
N ALA A 7 8.63 -13.42 -23.66
CA ALA A 7 7.26 -13.86 -23.66
C ALA A 7 6.88 -14.36 -22.27
N ASP A 8 7.77 -15.06 -21.54
CA ASP A 8 7.49 -15.51 -20.19
C ASP A 8 7.32 -14.33 -19.22
N LEU A 9 8.10 -13.26 -19.41
CA LEU A 9 7.96 -12.06 -18.59
C LEU A 9 6.59 -11.41 -18.81
N ARG A 10 6.03 -11.47 -20.03
CA ARG A 10 4.69 -10.97 -20.27
C ARG A 10 3.64 -11.86 -19.64
N ALA A 11 3.85 -13.18 -19.70
CA ALA A 11 2.90 -14.04 -19.03
C ALA A 11 2.91 -13.82 -17.51
N LEU A 12 4.08 -13.56 -16.95
CA LEU A 12 4.18 -13.25 -15.52
C LEU A 12 3.45 -11.93 -15.22
N ALA A 13 3.65 -10.89 -16.04
CA ALA A 13 2.96 -9.62 -15.91
C ALA A 13 1.45 -9.82 -15.93
N LYS A 14 0.95 -10.63 -16.87
CA LYS A 14 -0.46 -10.87 -17.00
C LYS A 14 -1.03 -11.64 -15.81
N HIS A 15 -0.31 -12.65 -15.36
CA HIS A 15 -0.69 -13.37 -14.14
C HIS A 15 -0.84 -12.43 -12.97
N LEU A 16 0.12 -11.56 -12.76
CA LEU A 16 0.05 -10.57 -11.67
C LEU A 16 -1.10 -9.61 -11.85
N TYR A 17 -1.34 -9.11 -13.06
CA TYR A 17 -2.48 -8.23 -13.25
C TYR A 17 -3.79 -8.96 -12.94
N ASP A 18 -3.94 -10.18 -13.44
CA ASP A 18 -5.17 -10.93 -13.17
C ASP A 18 -5.36 -11.15 -11.67
N SER A 19 -4.27 -11.49 -10.98
N SER A 19 -4.27 -11.37 -10.95
CA SER A 19 -4.26 -11.69 -9.53
CA SER A 19 -4.41 -11.65 -9.52
C SER A 19 -4.68 -10.41 -8.81
C SER A 19 -4.68 -10.39 -8.73
N TYR A 20 -4.14 -9.27 -9.21
CA TYR A 20 -4.45 -7.95 -8.67
C TYR A 20 -5.94 -7.64 -8.78
N ILE A 21 -6.52 -7.92 -9.94
CA ILE A 21 -7.95 -7.67 -10.17
C ILE A 21 -8.75 -8.58 -9.24
N LYS A 22 -8.32 -9.82 -8.95
CA LYS A 22 -9.06 -10.69 -8.04
C LYS A 22 -8.93 -10.19 -6.60
N SER A 23 -7.85 -9.56 -6.22
CA SER A 23 -7.54 -9.26 -4.83
C SER A 23 -8.04 -7.91 -4.38
N PHE A 24 -8.17 -6.94 -5.29
CA PHE A 24 -8.39 -5.55 -4.95
C PHE A 24 -9.67 -5.05 -5.59
N PRO A 25 -10.75 -4.96 -4.81
CA PRO A 25 -12.02 -4.57 -5.41
C PRO A 25 -12.03 -3.14 -5.95
N LEU A 26 -11.30 -2.19 -5.35
CA LEU A 26 -11.24 -0.83 -5.86
C LEU A 26 -9.86 -0.59 -6.50
N THR A 27 -9.85 -0.68 -7.82
CA THR A 27 -8.64 -0.52 -8.61
C THR A 27 -8.38 0.94 -8.87
N LYS A 28 -7.19 1.25 -9.41
CA LYS A 28 -6.93 2.61 -9.83
C LYS A 28 -7.85 3.04 -10.97
N ALA A 29 -8.11 2.14 -11.93
CA ALA A 29 -9.02 2.49 -13.03
C ALA A 29 -10.37 2.94 -12.47
N LYS A 30 -10.93 2.17 -11.53
CA LYS A 30 -12.24 2.53 -10.97
C LYS A 30 -12.16 3.82 -10.14
N ALA A 31 -11.09 3.96 -9.34
CA ALA A 31 -10.95 5.15 -8.53
C ALA A 31 -10.83 6.41 -9.37
N ARG A 32 -10.09 6.37 -10.47
CA ARG A 32 -9.90 7.58 -11.31
C ARG A 32 -11.20 7.96 -11.97
N ALA A 33 -12.02 6.98 -12.31
CA ALA A 33 -13.32 7.29 -12.92
C ALA A 33 -14.19 8.01 -11.89
N ILE A 34 -14.15 7.55 -10.63
CA ILE A 34 -14.94 8.20 -9.59
C ILE A 34 -14.40 9.63 -9.38
N LEU A 35 -13.06 9.78 -9.35
CA LEU A 35 -12.41 11.06 -9.06
C LEU A 35 -12.58 12.10 -10.17
N THR A 36 -12.81 11.65 -11.41
CA THR A 36 -12.96 12.62 -12.50
C THR A 36 -14.40 12.65 -13.01
N GLY A 37 -15.33 11.93 -12.35
CA GLY A 37 -16.76 12.05 -12.60
C GLY A 37 -17.28 11.26 -13.82
N LYS A 38 -16.79 10.04 -14.03
CA LYS A 38 -17.11 9.29 -15.23
C LYS A 38 -17.75 7.93 -14.91
N THR A 39 -18.72 7.89 -13.99
CA THR A 39 -19.40 6.65 -13.65
C THR A 39 -20.89 6.81 -13.87
N SER A 43 -22.21 9.00 -7.01
CA SER A 43 -21.33 10.12 -6.57
C SER A 43 -20.91 9.97 -5.11
N PRO A 44 -19.61 10.07 -4.77
CA PRO A 44 -19.23 10.01 -3.36
C PRO A 44 -19.77 11.16 -2.51
N PHE A 45 -20.03 10.88 -1.26
CA PHE A 45 -20.42 11.87 -0.26
C PHE A 45 -19.16 12.63 0.18
N VAL A 46 -19.17 13.96 0.11
CA VAL A 46 -18.00 14.79 0.34
C VAL A 46 -17.95 15.23 1.80
N ILE A 47 -16.85 14.93 2.49
CA ILE A 47 -16.56 15.36 3.85
C ILE A 47 -15.50 16.45 3.81
N TYR A 48 -15.91 17.69 4.14
CA TYR A 48 -15.03 18.85 3.97
C TYR A 48 -14.95 19.72 5.22
N ASP A 49 -15.70 19.34 6.25
CA ASP A 49 -15.73 20.06 7.51
C ASP A 49 -16.38 19.19 8.58
N MET A 50 -16.52 19.74 9.79
CA MET A 50 -17.09 18.96 10.87
C MET A 50 -18.56 18.60 10.62
N ASN A 51 -19.33 19.57 10.10
CA ASN A 51 -20.75 19.37 9.82
C ASN A 51 -20.96 18.20 8.85
N SER A 52 -20.19 18.17 7.78
CA SER A 52 -20.33 17.15 6.75
C SER A 52 -19.78 15.79 7.21
N LEU A 53 -18.77 15.81 8.08
CA LEU A 53 -18.31 14.58 8.67
C LEU A 53 -19.42 13.92 9.49
N MET A 54 -20.18 14.74 10.23
CA MET A 54 -21.36 14.26 10.96
C MET A 54 -22.39 13.70 9.98
N MET A 55 -22.71 14.46 8.92
CA MET A 55 -23.73 13.99 7.98
C MET A 55 -23.27 12.68 7.34
N GLY A 56 -21.96 12.59 7.09
CA GLY A 56 -21.37 11.51 6.32
C GLY A 56 -20.99 10.28 7.14
N GLU A 57 -21.14 10.37 8.47
CA GLU A 57 -21.03 9.23 9.38
C GLU A 57 -19.57 9.02 9.77
N GLU A 74 -14.46 11.72 19.67
CA GLU A 74 -13.60 12.90 19.30
C GLU A 74 -13.10 12.71 17.87
N VAL A 75 -13.22 13.76 17.04
CA VAL A 75 -13.19 13.63 15.59
C VAL A 75 -11.83 13.11 15.14
N ALA A 76 -10.72 13.69 15.60
CA ALA A 76 -9.41 13.25 15.10
C ALA A 76 -9.21 11.76 15.38
N ILE A 77 -9.65 11.28 16.54
CA ILE A 77 -9.49 9.88 16.94
C ILE A 77 -10.39 8.98 16.10
N ARG A 78 -11.63 9.38 15.83
CA ARG A 78 -12.54 8.63 14.98
C ARG A 78 -11.91 8.46 13.59
N ILE A 79 -11.29 9.53 13.08
CA ILE A 79 -10.69 9.45 11.77
C ILE A 79 -9.50 8.52 11.82
N PHE A 80 -8.61 8.68 12.82
CA PHE A 80 -7.47 7.73 12.99
C PHE A 80 -7.94 6.29 13.03
N GLN A 81 -8.98 5.98 13.82
CA GLN A 81 -9.52 4.64 13.92
C GLN A 81 -10.08 4.13 12.58
N GLY A 82 -10.68 5.01 11.79
CA GLY A 82 -11.19 4.68 10.47
C GLY A 82 -10.04 4.26 9.54
N CYS A 83 -8.94 5.03 9.60
CA CYS A 83 -7.74 4.68 8.81
C CYS A 83 -7.19 3.33 9.24
N GLN A 84 -7.18 3.06 10.55
CA GLN A 84 -6.76 1.74 11.01
C GLN A 84 -7.59 0.60 10.45
N PHE A 85 -8.91 0.71 10.49
CA PHE A 85 -9.78 -0.36 10.03
C PHE A 85 -9.60 -0.54 8.52
N ARG A 86 -9.40 0.54 7.77
CA ARG A 86 -9.11 0.41 6.34
C ARG A 86 -7.80 -0.37 6.16
N SER A 87 -6.73 -0.02 6.93
N SER A 87 -6.79 -0.02 6.97
CA SER A 87 -5.47 -0.77 6.81
CA SER A 87 -5.51 -0.69 6.88
C SER A 87 -5.69 -2.24 7.10
C SER A 87 -5.64 -2.19 7.17
N VAL A 88 -6.49 -2.58 8.13
CA VAL A 88 -6.68 -3.98 8.46
C VAL A 88 -7.26 -4.72 7.24
N GLU A 89 -8.24 -4.13 6.58
CA GLU A 89 -8.79 -4.72 5.37
C GLU A 89 -7.72 -4.85 4.29
N ALA A 90 -6.96 -3.77 4.11
CA ALA A 90 -5.95 -3.72 3.07
C ALA A 90 -4.88 -4.79 3.32
N VAL A 91 -4.45 -4.98 4.57
CA VAL A 91 -3.47 -6.04 4.85
C VAL A 91 -3.98 -7.37 4.35
N GLN A 92 -5.24 -7.70 4.56
CA GLN A 92 -5.77 -8.98 4.14
C GLN A 92 -5.85 -9.08 2.61
N GLU A 93 -6.19 -8.01 1.90
CA GLU A 93 -6.19 -7.99 0.43
C GLU A 93 -4.74 -8.20 -0.11
N ILE A 94 -3.81 -7.43 0.48
CA ILE A 94 -2.42 -7.48 0.08
C ILE A 94 -1.83 -8.88 0.29
N THR A 95 -2.18 -9.50 1.41
CA THR A 95 -1.68 -10.83 1.70
C THR A 95 -2.18 -11.83 0.66
N GLU A 96 -3.47 -11.77 0.32
N GLU A 96 -3.46 -11.76 0.28
CA GLU A 96 -3.98 -12.61 -0.75
CA GLU A 96 -3.98 -12.64 -0.77
C GLU A 96 -3.20 -12.40 -2.05
C GLU A 96 -3.31 -12.40 -2.13
N TYR A 97 -2.97 -11.14 -2.41
CA TYR A 97 -2.21 -10.85 -3.61
C TYR A 97 -0.78 -11.42 -3.52
N ALA A 98 -0.10 -11.23 -2.38
CA ALA A 98 1.25 -11.75 -2.23
C ALA A 98 1.31 -13.25 -2.47
N LYS A 99 0.25 -13.96 -2.00
CA LYS A 99 0.21 -15.43 -2.14
C LYS A 99 0.04 -15.87 -3.60
N SER A 100 -0.33 -14.95 -4.51
N SER A 100 -0.34 -14.92 -4.48
CA SER A 100 -0.41 -15.25 -5.93
CA SER A 100 -0.45 -15.15 -5.92
C SER A 100 0.89 -14.94 -6.68
C SER A 100 0.87 -14.92 -6.66
N ILE A 101 1.89 -14.35 -6.01
CA ILE A 101 3.17 -14.08 -6.68
C ILE A 101 3.89 -15.41 -6.78
N PRO A 102 4.25 -15.89 -7.98
CA PRO A 102 4.88 -17.20 -8.07
C PRO A 102 6.11 -17.33 -7.21
N GLY A 103 6.17 -18.40 -6.42
CA GLY A 103 7.26 -18.62 -5.52
C GLY A 103 6.98 -18.21 -4.08
N PHE A 104 6.09 -17.22 -3.83
CA PHE A 104 5.95 -16.69 -2.47
C PHE A 104 5.46 -17.72 -1.46
N VAL A 105 4.45 -18.53 -1.78
CA VAL A 105 3.90 -19.46 -0.79
C VAL A 105 4.85 -20.60 -0.47
N ASN A 106 5.88 -20.80 -1.31
CA ASN A 106 6.89 -21.83 -1.08
C ASN A 106 8.04 -21.32 -0.26
N LEU A 107 8.13 -20.03 0.03
CA LEU A 107 9.11 -19.52 0.96
C LEU A 107 8.83 -20.05 2.38
N ASP A 108 9.87 -20.10 3.20
CA ASP A 108 9.67 -20.36 4.62
C ASP A 108 8.61 -19.42 5.15
N LEU A 109 7.70 -19.93 5.97
CA LEU A 109 6.63 -19.13 6.54
C LEU A 109 7.14 -17.93 7.33
N ASN A 110 8.27 -18.09 8.06
CA ASN A 110 8.89 -16.98 8.76
C ASN A 110 9.22 -15.85 7.80
N ASP A 111 9.72 -16.21 6.59
CA ASP A 111 10.11 -15.21 5.63
C ASP A 111 8.88 -14.58 4.96
N GLN A 112 7.80 -15.35 4.71
CA GLN A 112 6.55 -14.75 4.25
C GLN A 112 6.08 -13.68 5.22
N VAL A 113 6.09 -14.01 6.52
CA VAL A 113 5.62 -13.07 7.53
C VAL A 113 6.54 -11.85 7.58
N THR A 114 7.88 -12.02 7.57
CA THR A 114 8.76 -10.87 7.57
C THR A 114 8.55 -9.96 6.34
N LEU A 115 8.39 -10.55 5.14
CA LEU A 115 8.15 -9.75 3.94
C LEU A 115 6.88 -8.94 4.12
N LEU A 116 5.80 -9.56 4.59
CA LEU A 116 4.56 -8.78 4.74
C LEU A 116 4.68 -7.75 5.84
N LYS A 117 5.28 -8.09 6.97
CA LYS A 117 5.42 -7.18 8.08
C LYS A 117 6.07 -5.89 7.66
N TYR A 118 7.17 -5.98 6.89
CA TYR A 118 7.96 -4.82 6.50
C TYR A 118 7.53 -4.23 5.19
N GLY A 119 6.68 -4.88 4.42
CA GLY A 119 6.21 -4.45 3.12
C GLY A 119 4.82 -3.86 3.08
N VAL A 120 3.91 -4.28 3.95
CA VAL A 120 2.53 -3.98 3.78
C VAL A 120 2.22 -2.49 3.84
N HIS A 121 2.89 -1.72 4.73
CA HIS A 121 2.61 -0.29 4.73
C HIS A 121 3.09 0.40 3.45
N GLU A 122 4.23 -0.01 2.93
CA GLU A 122 4.72 0.54 1.66
C GLU A 122 3.65 0.32 0.59
N ILE A 123 3.01 -0.84 0.54
CA ILE A 123 1.95 -1.11 -0.41
C ILE A 123 0.71 -0.33 -0.10
N ILE A 124 0.32 -0.25 1.18
CA ILE A 124 -0.84 0.54 1.53
C ILE A 124 -0.70 1.97 1.01
N TYR A 125 0.46 2.58 1.20
CA TYR A 125 0.61 3.98 0.77
C TYR A 125 0.69 4.10 -0.74
N THR A 126 1.27 3.12 -1.41
CA THR A 126 1.23 3.08 -2.87
C THR A 126 -0.18 3.05 -3.39
N MET A 127 -1.02 2.21 -2.86
CA MET A 127 -2.39 2.01 -3.30
C MET A 127 -3.27 3.18 -2.85
N LEU A 128 -2.93 3.80 -1.71
CA LEU A 128 -3.67 4.99 -1.27
C LEU A 128 -3.54 6.06 -2.32
N ALA A 129 -2.36 6.21 -2.93
CA ALA A 129 -2.17 7.21 -3.94
C ALA A 129 -3.17 7.06 -5.08
N SER A 130 -3.56 5.84 -5.42
CA SER A 130 -4.54 5.58 -6.50
C SER A 130 -5.89 6.23 -6.22
N LEU A 131 -6.18 6.44 -4.92
CA LEU A 131 -7.47 6.96 -4.47
C LEU A 131 -7.38 8.44 -4.15
N MET A 132 -6.25 9.09 -4.35
CA MET A 132 -5.98 10.47 -4.06
C MET A 132 -5.85 11.35 -5.28
N ASN A 133 -6.30 12.59 -5.11
CA ASN A 133 -5.90 13.71 -5.94
C ASN A 133 -5.30 14.77 -5.03
N LYS A 134 -4.93 15.92 -5.64
CA LYS A 134 -4.33 16.99 -4.85
C LYS A 134 -5.32 17.58 -3.83
N ASP A 135 -6.61 17.28 -3.98
CA ASP A 135 -7.60 17.87 -3.10
C ASP A 135 -8.27 16.93 -2.11
N GLY A 136 -7.98 15.63 -2.16
CA GLY A 136 -8.58 14.77 -1.17
C GLY A 136 -8.42 13.31 -1.55
N VAL A 137 -9.13 12.45 -0.81
CA VAL A 137 -8.96 11.00 -0.87
C VAL A 137 -10.32 10.29 -0.85
N LEU A 138 -10.47 9.26 -1.65
CA LEU A 138 -11.63 8.39 -1.58
C LEU A 138 -11.57 7.54 -0.33
N ILE A 139 -12.74 7.37 0.30
CA ILE A 139 -12.93 6.50 1.46
C ILE A 139 -14.11 5.56 1.20
N SER A 140 -14.17 4.50 2.03
CA SER A 140 -15.27 3.54 2.01
C SER A 140 -15.53 3.00 0.62
N GLU A 141 -14.46 2.54 -0.04
CA GLU A 141 -14.55 1.91 -1.34
C GLU A 141 -15.20 2.84 -2.37
N GLY A 142 -14.95 4.14 -2.22
CA GLY A 142 -15.35 5.17 -3.17
C GLY A 142 -16.71 5.80 -2.87
N GLN A 143 -17.30 5.47 -1.72
CA GLN A 143 -18.59 6.03 -1.39
C GLN A 143 -18.46 7.38 -0.69
N GLY A 144 -17.26 7.73 -0.23
CA GLY A 144 -16.98 9.01 0.36
C GLY A 144 -15.72 9.62 -0.25
N PHE A 145 -15.54 10.91 -0.08
CA PHE A 145 -14.35 11.66 -0.43
C PHE A 145 -14.05 12.64 0.68
N MET A 146 -12.91 12.55 1.31
CA MET A 146 -12.48 13.41 2.40
C MET A 146 -11.46 14.41 1.91
N THR A 147 -11.69 15.70 2.14
CA THR A 147 -10.79 16.70 1.59
C THR A 147 -9.48 16.76 2.38
N ARG A 148 -8.42 17.05 1.61
CA ARG A 148 -7.09 17.27 2.15
C ARG A 148 -7.07 18.41 3.17
N GLU A 149 -7.79 19.49 2.84
CA GLU A 149 -7.84 20.64 3.73
C GLU A 149 -8.49 20.23 5.06
N PHE A 150 -9.54 19.41 5.01
CA PHE A 150 -10.22 18.96 6.22
C PHE A 150 -9.24 18.15 7.09
N LEU A 151 -8.53 17.20 6.47
CA LEU A 151 -7.56 16.45 7.22
C LEU A 151 -6.47 17.33 7.82
N LYS A 152 -5.99 18.35 7.10
CA LYS A 152 -4.99 19.27 7.61
C LYS A 152 -5.50 20.10 8.81
N SER A 153 -6.81 20.19 8.97
CA SER A 153 -7.44 21.05 9.98
C SER A 153 -7.52 20.37 11.35
N LEU A 154 -7.23 19.07 11.42
CA LEU A 154 -7.36 18.31 12.64
C LEU A 154 -6.34 18.78 13.67
N ARG A 155 -6.68 18.66 14.96
CA ARG A 155 -5.78 19.17 15.99
C ARG A 155 -4.46 18.40 15.99
N LYS A 156 -3.38 19.09 16.38
CA LYS A 156 -2.04 18.52 16.42
C LYS A 156 -2.06 17.31 17.36
N PRO A 157 -1.31 16.22 17.08
CA PRO A 157 -0.53 16.05 15.85
C PRO A 157 -1.22 15.44 14.63
N PHE A 158 -2.55 15.28 14.71
CA PHE A 158 -3.30 14.57 13.69
C PHE A 158 -3.43 15.39 12.42
N GLY A 159 -3.19 16.72 12.45
CA GLY A 159 -3.28 17.56 11.28
C GLY A 159 -2.15 17.32 10.28
N ASP A 160 -1.13 16.58 10.71
CA ASP A 160 0.01 16.28 9.84
C ASP A 160 0.11 14.81 9.47
N PHE A 161 -0.88 13.98 9.81
CA PHE A 161 -0.85 12.56 9.60
C PHE A 161 -0.83 12.26 8.10
N MET A 162 -1.74 12.90 7.36
CA MET A 162 -1.97 12.54 5.96
C MET A 162 -1.10 13.34 5.01
N GLU A 163 -0.63 14.52 5.42
CA GLU A 163 0.00 15.45 4.49
C GLU A 163 1.20 14.84 3.75
N PRO A 164 2.09 14.05 4.40
CA PRO A 164 3.18 13.40 3.70
C PRO A 164 2.71 12.38 2.65
N LYS A 165 1.56 11.77 2.92
CA LYS A 165 1.01 10.78 2.00
C LYS A 165 0.47 11.50 0.77
N PHE A 166 -0.24 12.63 0.93
CA PHE A 166 -0.70 13.39 -0.22
C PHE A 166 0.51 13.89 -1.01
N GLU A 167 1.57 14.37 -0.32
CA GLU A 167 2.75 14.89 -1.02
C GLU A 167 3.35 13.78 -1.92
N PHE A 168 3.51 12.58 -1.35
CA PHE A 168 3.95 11.42 -2.10
C PHE A 168 3.04 11.16 -3.29
N ALA A 169 1.72 11.12 -3.06
CA ALA A 169 0.77 10.75 -4.08
C ALA A 169 0.80 11.68 -5.27
N VAL A 170 0.91 12.99 -5.02
CA VAL A 170 0.90 13.92 -6.15
C VAL A 170 2.07 13.66 -7.08
N LYS A 171 3.25 13.39 -6.53
CA LYS A 171 4.43 13.10 -7.32
C LYS A 171 4.32 11.72 -7.98
N PHE A 172 3.82 10.75 -7.23
CA PHE A 172 3.68 9.40 -7.76
C PHE A 172 2.65 9.32 -8.89
N ASN A 173 1.50 9.97 -8.71
CA ASN A 173 0.45 9.95 -9.69
C ASN A 173 0.88 10.66 -10.99
N ALA A 174 1.85 11.58 -10.90
CA ALA A 174 2.37 12.24 -12.10
C ALA A 174 3.09 11.26 -13.02
N LEU A 175 3.48 10.07 -12.55
CA LEU A 175 4.08 9.06 -13.39
C LEU A 175 3.04 8.32 -14.24
N GLU A 176 1.74 8.43 -13.91
CA GLU A 176 0.65 7.96 -14.76
C GLU A 176 0.69 6.43 -14.90
N LEU A 177 1.05 5.75 -13.81
CA LEU A 177 1.01 4.29 -13.87
C LEU A 177 -0.41 3.76 -13.95
N ASP A 178 -0.63 2.62 -14.55
CA ASP A 178 -1.89 1.94 -14.57
C ASP A 178 -1.86 0.72 -13.66
N ASP A 179 -2.98 0.05 -13.52
CA ASP A 179 -3.11 -1.11 -12.65
C ASP A 179 -2.13 -2.23 -13.06
N SER A 180 -1.90 -2.42 -14.37
N SER A 180 -1.91 -2.39 -14.37
CA SER A 180 -0.99 -3.47 -14.81
CA SER A 180 -0.97 -3.41 -14.84
C SER A 180 0.47 -3.17 -14.42
C SER A 180 0.45 -3.15 -14.31
N ASP A 181 0.85 -1.89 -14.42
CA ASP A 181 2.14 -1.47 -13.92
C ASP A 181 2.25 -1.63 -12.40
N LEU A 182 1.18 -1.23 -11.68
CA LEU A 182 1.19 -1.26 -10.24
C LEU A 182 1.29 -2.70 -9.74
N ALA A 183 0.63 -3.65 -10.42
CA ALA A 183 0.68 -5.02 -9.97
C ALA A 183 2.12 -5.50 -9.86
N ILE A 184 2.95 -5.17 -10.85
CA ILE A 184 4.34 -5.64 -10.83
C ILE A 184 5.17 -4.85 -9.83
N PHE A 185 4.96 -3.51 -9.76
CA PHE A 185 5.66 -2.68 -8.80
C PHE A 185 5.43 -3.19 -7.38
N ILE A 186 4.18 -3.48 -7.02
CA ILE A 186 3.86 -3.96 -5.68
C ILE A 186 4.56 -5.29 -5.40
N ALA A 187 4.54 -6.21 -6.38
CA ALA A 187 5.24 -7.51 -6.21
C ALA A 187 6.73 -7.33 -5.94
N VAL A 188 7.40 -6.42 -6.68
CA VAL A 188 8.81 -6.14 -6.46
C VAL A 188 9.07 -5.71 -5.02
N ILE A 189 8.21 -4.78 -4.52
CA ILE A 189 8.37 -4.30 -3.16
C ILE A 189 8.23 -5.43 -2.14
N ILE A 190 7.23 -6.28 -2.31
CA ILE A 190 7.00 -7.35 -1.33
C ILE A 190 8.22 -8.26 -1.31
N LEU A 191 8.79 -8.60 -2.47
CA LEU A 191 9.91 -9.55 -2.56
C LEU A 191 11.24 -8.84 -2.34
N SER A 192 11.40 -8.05 -1.28
CA SER A 192 12.62 -7.33 -0.94
C SER A 192 13.53 -8.16 -0.03
N GLY A 193 14.73 -8.49 -0.52
CA GLY A 193 15.60 -9.41 0.20
C GLY A 193 16.40 -8.76 1.31
N ASP A 194 16.22 -7.46 1.55
CA ASP A 194 16.96 -6.74 2.56
C ASP A 194 16.13 -6.47 3.82
N ARG A 195 14.96 -7.13 3.97
CA ARG A 195 14.20 -6.94 5.19
C ARG A 195 14.89 -7.56 6.40
N PRO A 196 14.80 -6.93 7.58
CA PRO A 196 15.54 -7.49 8.72
C PRO A 196 14.98 -8.84 9.13
N GLY A 197 15.88 -9.82 9.33
CA GLY A 197 15.53 -11.08 9.94
C GLY A 197 15.12 -12.18 8.94
N LEU A 198 15.25 -11.90 7.64
CA LEU A 198 15.00 -12.96 6.65
C LEU A 198 16.00 -14.10 6.84
N LEU A 199 15.47 -15.31 6.75
CA LEU A 199 16.28 -16.52 6.93
C LEU A 199 16.95 -16.93 5.65
N ASN A 200 16.24 -16.86 4.50
CA ASN A 200 16.75 -17.36 3.25
C ASN A 200 16.61 -16.29 2.17
N VAL A 201 17.62 -15.43 2.06
CA VAL A 201 17.59 -14.30 1.14
C VAL A 201 17.65 -14.72 -0.33
N LYS A 202 18.44 -15.72 -0.68
CA LYS A 202 18.69 -16.01 -2.08
C LYS A 202 17.40 -16.32 -2.84
N PRO A 203 16.47 -17.18 -2.42
CA PRO A 203 15.26 -17.44 -3.20
C PRO A 203 14.46 -16.15 -3.40
N ILE A 204 14.44 -15.28 -2.39
CA ILE A 204 13.69 -14.01 -2.47
C ILE A 204 14.31 -13.13 -3.54
N GLU A 205 15.63 -13.00 -3.53
CA GLU A 205 16.31 -12.16 -4.52
C GLU A 205 16.12 -12.78 -5.90
N ASP A 206 16.09 -14.09 -6.04
CA ASP A 206 15.90 -14.70 -7.35
C ASP A 206 14.50 -14.39 -7.89
N ILE A 207 13.46 -14.49 -7.06
CA ILE A 207 12.12 -14.11 -7.45
C ILE A 207 12.11 -12.62 -7.80
N GLN A 208 12.69 -11.78 -6.96
CA GLN A 208 12.67 -10.36 -7.19
C GLN A 208 13.39 -9.95 -8.49
N ASP A 209 14.50 -10.62 -8.81
CA ASP A 209 15.21 -10.27 -10.03
C ASP A 209 14.34 -10.51 -11.25
N ASN A 210 13.61 -11.61 -11.27
CA ASN A 210 12.68 -11.92 -12.35
C ASN A 210 11.53 -10.90 -12.37
N LEU A 211 10.98 -10.49 -11.23
CA LEU A 211 9.97 -9.47 -11.16
C LEU A 211 10.50 -8.13 -11.69
N LEU A 212 11.75 -7.79 -11.37
CA LEU A 212 12.37 -6.55 -11.84
C LEU A 212 12.50 -6.55 -13.36
N GLN A 213 12.90 -7.69 -13.92
CA GLN A 213 12.96 -7.80 -15.39
C GLN A 213 11.57 -7.65 -15.96
N ALA A 214 10.55 -8.22 -15.30
CA ALA A 214 9.20 -8.10 -15.82
C ALA A 214 8.70 -6.65 -15.73
N LEU A 215 9.09 -5.93 -14.67
CA LEU A 215 8.71 -4.53 -14.50
C LEU A 215 9.35 -3.68 -15.60
N GLU A 216 10.65 -3.86 -15.83
CA GLU A 216 11.36 -3.10 -16.84
C GLU A 216 10.69 -3.30 -18.20
N LEU A 217 10.35 -4.53 -18.57
CA LEU A 217 9.73 -4.79 -19.86
C LEU A 217 8.34 -4.18 -19.91
N GLN A 218 7.55 -4.30 -18.84
CA GLN A 218 6.23 -3.68 -18.77
C GLN A 218 6.31 -2.19 -19.04
N LEU A 219 7.22 -1.46 -18.39
CA LEU A 219 7.29 -0.02 -18.57
C LEU A 219 7.78 0.32 -19.97
N LYS A 220 8.69 -0.44 -20.55
CA LYS A 220 9.17 -0.17 -21.93
C LYS A 220 8.01 -0.32 -22.89
N LEU A 221 7.15 -1.33 -22.69
CA LEU A 221 6.05 -1.59 -23.63
C LEU A 221 4.89 -0.64 -23.42
N ASN A 222 4.48 -0.42 -22.16
CA ASN A 222 3.28 0.35 -21.83
C ASN A 222 3.54 1.85 -21.77
N HIS A 223 4.77 2.28 -21.57
CA HIS A 223 5.17 3.70 -21.52
C HIS A 223 6.44 3.97 -22.34
N PRO A 224 6.41 3.67 -23.66
CA PRO A 224 7.63 3.77 -24.46
C PRO A 224 8.10 5.23 -24.55
N GLU A 225 7.18 6.16 -24.37
CA GLU A 225 7.52 7.57 -24.49
C GLU A 225 8.07 8.13 -23.18
N SER A 226 8.12 7.36 -22.07
CA SER A 226 8.43 7.84 -20.73
C SER A 226 9.82 7.33 -20.35
N SER A 227 10.77 8.21 -20.64
CA SER A 227 12.15 7.85 -20.46
C SER A 227 12.51 7.75 -18.97
N GLN A 228 13.24 6.69 -18.67
CA GLN A 228 13.79 6.43 -17.38
C GLN A 228 12.68 6.21 -16.35
N LEU A 229 11.51 5.75 -16.81
CA LEU A 229 10.42 5.46 -15.87
C LEU A 229 10.83 4.39 -14.85
N PHE A 230 11.52 3.35 -15.32
CA PHE A 230 11.96 2.28 -14.43
C PHE A 230 12.82 2.85 -13.31
N ALA A 231 13.85 3.64 -13.62
CA ALA A 231 14.69 4.20 -12.59
C ALA A 231 13.89 5.07 -11.61
N LYS A 232 12.96 5.83 -12.16
CA LYS A 232 12.08 6.64 -11.29
C LYS A 232 11.27 5.77 -10.34
N LEU A 233 10.76 4.64 -10.78
CA LEU A 233 10.03 3.75 -9.88
C LEU A 233 10.94 3.13 -8.82
N LEU A 234 12.16 2.75 -9.17
CA LEU A 234 13.05 2.18 -8.17
C LEU A 234 13.26 3.21 -7.06
N GLN A 235 13.36 4.50 -7.40
CA GLN A 235 13.52 5.52 -6.40
C GLN A 235 12.27 5.69 -5.54
N LYS A 236 11.08 5.50 -6.10
CA LYS A 236 9.86 5.57 -5.32
C LYS A 236 9.88 4.49 -4.25
N MET A 237 10.52 3.33 -4.49
CA MET A 237 10.57 2.26 -3.50
C MET A 237 11.36 2.76 -2.30
N THR A 238 12.46 3.49 -2.49
CA THR A 238 13.18 4.08 -1.39
C THR A 238 12.35 5.15 -0.67
N ASP A 239 11.65 5.96 -1.43
CA ASP A 239 10.83 7.00 -0.84
C ASP A 239 9.74 6.44 0.06
N LEU A 240 9.15 5.31 -0.35
CA LEU A 240 8.10 4.70 0.44
C LEU A 240 8.63 4.25 1.80
N ARG A 241 9.87 3.74 1.83
CA ARG A 241 10.46 3.40 3.13
C ARG A 241 10.57 4.59 4.06
N GLN A 242 10.88 5.76 3.50
CA GLN A 242 10.98 6.98 4.31
C GLN A 242 9.62 7.39 4.83
N ILE A 243 8.57 7.24 4.01
CA ILE A 243 7.22 7.51 4.44
C ILE A 243 6.85 6.66 5.66
N VAL A 244 7.15 5.34 5.61
CA VAL A 244 6.75 4.47 6.69
C VAL A 244 7.57 4.81 7.94
N THR A 245 8.89 5.06 7.77
CA THR A 245 9.74 5.44 8.92
C THR A 245 9.17 6.68 9.61
N GLU A 246 8.78 7.71 8.85
CA GLU A 246 8.21 8.96 9.35
C GLU A 246 6.86 8.73 10.03
N HIS A 247 6.08 7.80 9.50
CA HIS A 247 4.80 7.48 10.11
C HIS A 247 5.00 6.83 11.48
N VAL A 248 5.92 5.87 11.59
CA VAL A 248 6.23 5.24 12.87
C VAL A 248 6.70 6.32 13.86
N GLN A 249 7.46 7.32 13.40
CA GLN A 249 7.86 8.44 14.28
C GLN A 249 6.65 9.22 14.79
N LEU A 250 5.67 9.47 13.93
CA LEU A 250 4.47 10.17 14.31
C LEU A 250 3.65 9.37 15.32
N LEU A 251 3.56 8.04 15.13
CA LEU A 251 2.89 7.14 16.04
C LEU A 251 3.51 7.19 17.42
N GLN A 252 4.84 7.25 17.52
CA GLN A 252 5.48 7.31 18.82
C GLN A 252 5.15 8.64 19.51
N VAL A 253 5.01 9.74 18.76
CA VAL A 253 4.53 10.99 19.33
C VAL A 253 3.11 10.79 19.86
N ILE A 254 2.21 10.30 19.00
CA ILE A 254 0.80 10.11 19.34
C ILE A 254 0.67 9.26 20.62
N LYS A 255 1.46 8.18 20.73
CA LYS A 255 1.22 7.22 21.80
C LYS A 255 1.64 7.81 23.16
N LYS A 256 2.55 8.79 23.16
CA LYS A 256 3.07 9.36 24.40
C LYS A 256 2.31 10.64 24.76
N THR A 257 1.56 11.21 23.82
CA THR A 257 0.82 12.44 24.09
C THR A 257 -0.65 12.12 24.36
N GLU A 258 -1.13 10.95 23.91
CA GLU A 258 -2.51 10.54 24.07
C GLU A 258 -2.55 9.38 25.07
N THR A 259 -3.77 8.98 25.47
CA THR A 259 -3.99 7.81 26.30
C THR A 259 -5.20 7.05 25.81
N MET A 261 -6.67 5.08 23.94
CA MET A 261 -6.76 4.51 22.56
C MET A 261 -5.53 3.66 22.27
N SER A 262 -5.72 2.49 21.65
CA SER A 262 -4.60 1.68 21.18
C SER A 262 -4.94 1.08 19.82
N LEU A 263 -3.94 0.45 19.20
CA LEU A 263 -4.09 -0.01 17.84
C LEU A 263 -4.97 -1.26 17.76
N HIS A 264 -5.58 -1.45 16.59
CA HIS A 264 -6.17 -2.74 16.28
C HIS A 264 -5.13 -3.84 16.45
N PRO A 265 -5.51 -5.04 16.93
CA PRO A 265 -4.56 -6.12 17.15
C PRO A 265 -3.67 -6.50 15.98
N LEU A 266 -4.22 -6.48 14.76
CA LEU A 266 -3.37 -6.85 13.63
C LEU A 266 -2.29 -5.78 13.44
N LEU A 267 -2.62 -4.53 13.63
CA LEU A 267 -1.64 -3.45 13.50
C LEU A 267 -0.64 -3.50 14.63
N GLN A 268 -1.08 -3.88 15.84
CA GLN A 268 -0.14 -4.02 16.95
C GLN A 268 0.92 -5.03 16.54
N GLU A 269 0.49 -6.17 15.98
CA GLU A 269 1.43 -7.20 15.63
C GLU A 269 2.42 -6.70 14.56
N ILE A 270 1.92 -6.00 13.54
CA ILE A 270 2.77 -5.54 12.45
C ILE A 270 3.77 -4.49 12.98
N TYR A 271 3.32 -3.54 13.77
CA TYR A 271 4.20 -2.47 14.22
C TYR A 271 5.18 -2.90 15.32
N LYS A 272 4.95 -4.01 16.03
CA LYS A 272 5.81 -4.39 17.14
C LYS A 272 7.17 -4.77 16.55
N ASP A 273 8.23 -4.02 16.93
CA ASP A 273 9.59 -4.24 16.42
C ASP A 273 9.71 -3.97 14.92
N LEU A 274 8.80 -3.13 14.41
CA LEU A 274 8.89 -2.66 13.06
C LEU A 274 9.77 -1.41 13.11
N TYR A 275 10.92 -1.52 12.46
CA TYR A 275 12.01 -0.60 12.71
C TYR A 275 11.52 0.66 13.39
N SER B 6 11.06 -17.07 17.42
CA SER B 6 11.08 -16.94 15.95
C SER B 6 10.14 -15.81 15.54
N VAL B 7 10.15 -15.51 14.25
CA VAL B 7 9.15 -14.62 13.68
C VAL B 7 7.76 -15.21 13.79
N AC5 B 8 7.54 -16.48 13.41
O AC5 B 8 4.35 -16.62 14.79
CA AC5 B 8 6.23 -17.12 13.39
C AC5 B 8 5.55 -16.93 14.75
CB1 AC5 B 8 5.43 -16.59 12.20
CB2 AC5 B 8 6.39 -18.63 13.10
CG1 AC5 B 8 5.56 -17.59 11.06
CG2 AC5 B 8 5.78 -18.91 11.73
N VAL B 9 6.29 -17.13 15.85
CA VAL B 9 5.63 -17.08 17.14
C VAL B 9 5.14 -15.69 17.51
N ARG B 10 5.76 -14.65 16.95
CA ARG B 10 5.43 -13.28 17.30
C ARG B 10 4.35 -12.74 16.36
N HIS B 11 3.87 -13.55 15.38
CA HIS B 11 2.90 -13.06 14.42
C HIS B 11 1.75 -14.02 14.19
N AC5 B 12 1.00 -14.34 15.24
O AC5 B 12 -1.55 -15.81 13.37
CA AC5 B 12 -0.10 -15.29 15.19
C AC5 B 12 -1.06 -14.94 14.07
CB1 AC5 B 12 0.43 -16.71 15.10
CB2 AC5 B 12 -0.81 -15.26 16.56
CG1 AC5 B 12 0.84 -17.06 16.53
CG2 AC5 B 12 -0.13 -16.33 17.40
N LEU B 13 -1.47 -13.66 14.01
CA LEU B 13 -2.52 -13.27 13.09
C LEU B 13 -2.07 -13.26 11.63
N LEU B 14 -0.87 -12.74 11.39
CA LEU B 14 -0.35 -12.77 10.02
C LEU B 14 -0.19 -14.21 9.56
N THR B 15 0.24 -15.10 10.47
CA THR B 15 0.39 -16.51 10.11
C THR B 15 -0.96 -17.09 9.72
N ALA B 16 -2.01 -16.80 10.51
CA ALA B 16 -3.32 -17.31 10.19
C ALA B 16 -3.80 -16.87 8.80
N ILE B 17 -3.59 -15.60 8.47
CA ILE B 17 -4.00 -15.08 7.19
C ILE B 17 -3.20 -15.76 6.06
N LEU B 18 -1.87 -15.97 6.26
CA LEU B 18 -1.04 -16.59 5.24
C LEU B 18 -1.42 -18.04 5.01
N AC5 B 19 -1.72 -18.80 6.09
O AC5 B 19 -3.56 -21.48 4.63
CA AC5 B 19 -2.08 -20.20 6.03
C AC5 B 19 -3.26 -20.39 5.15
CB1 AC5 B 19 -0.86 -21.03 5.52
CB2 AC5 B 19 -2.30 -20.72 7.45
CG1 AC5 B 19 -0.09 -21.40 6.77
CG2 AC5 B 19 -0.91 -21.00 8.00
N NH2 B 20 -4.33 -19.48 5.16
S1 BRL C . -3.21 4.58 10.10
O2 BRL C . -1.50 4.67 12.06
O4 BRL C . -1.79 1.16 9.21
O13 BRL C . -6.37 6.65 4.71
N3 BRL C . -1.44 2.84 10.73
N16 BRL C . -9.02 8.03 4.99
N18 BRL C . -10.44 8.44 6.79
C2 BRL C . -1.95 4.04 11.15
C4 BRL C . -2.03 2.30 9.63
C5 BRL C . -3.05 3.20 8.97
C6 BRL C . -2.52 3.60 7.57
C7 BRL C . -3.53 4.40 6.74
C8 BRL C . -3.48 5.78 6.73
C9 BRL C . -4.43 6.50 6.01
C10 BRL C . -5.44 5.86 5.35
C11 BRL C . -5.53 4.46 5.36
C12 BRL C . -4.56 3.75 6.06
C14 BRL C . -7.59 6.04 4.31
C15 BRL C . -8.54 7.17 3.90
C16 BRL C . -8.32 9.25 5.22
C17 BRL C . -10.01 7.59 5.81
C19 BRL C . -11.41 7.96 7.60
C20 BRL C . -12.00 6.74 7.46
C21 BRL C . -11.60 5.92 6.45
C22 BRL C . -10.61 6.34 5.61
C1 PGE D . -7.66 -17.32 -7.16
O1 PGE D . -8.92 -17.78 -7.73
C2 PGE D . -6.65 -17.13 -8.22
O2 PGE D . -5.42 -16.56 -7.74
C3 PGE D . -4.46 -16.25 -8.77
C4 PGE D . -5.12 -16.01 -10.10
O4 PGE D . -6.42 -15.96 -14.14
C6 PGE D . -6.00 -15.43 -12.89
C5 PGE D . -4.65 -15.84 -12.46
O3 PGE D . -4.38 -15.35 -11.13
C1 PEG E . 1.89 -19.43 -12.29
O1 PEG E . 1.55 -20.45 -13.20
C2 PEG E . 1.98 -18.11 -12.96
O2 PEG E . 2.73 -18.23 -14.17
C3 PEG E . 3.50 -17.09 -14.46
C4 PEG E . 3.93 -17.16 -15.86
O4 PEG E . 5.03 -17.97 -16.05
#